data_4YE0
#
_entry.id   4YE0
#
_cell.length_a   36.390
_cell.length_b   50.820
_cell.length_c   130.170
_cell.angle_alpha   90.00
_cell.angle_beta   90.00
_cell.angle_gamma   90.00
#
_symmetry.space_group_name_H-M   'P 21 21 21'
#
loop_
_entity.id
_entity.type
_entity.pdbx_description
1 polymer 'Stress-induced protein 1'
2 non-polymer 'SULFATE ION'
3 water water
#
_entity_poly.entity_id   1
_entity_poly.type   'polypeptide(L)'
_entity_poly.pdbx_seq_one_letter_code
;GSLNEVENTAQKFCVKLDVAAFKPEELKVNLEGHVLTIEGHHEVKTEHGFSKRSFTRQFTLPKDVDLAHIHTVINKEGQM
TIDAPKTGSNTTVRALPIHTSAGHAVTQKPSSTTTTGKH
;
_entity_poly.pdbx_strand_id   A,B
#
loop_
_chem_comp.id
_chem_comp.type
_chem_comp.name
_chem_comp.formula
SO4 non-polymer 'SULFATE ION' 'O4 S -2'
#
# COMPACT_ATOMS: atom_id res chain seq x y z
N GLY A 1 3.08 -2.93 -3.61
CA GLY A 1 3.76 -4.15 -4.18
C GLY A 1 3.85 -4.09 -5.69
N SER A 2 4.49 -3.03 -6.19
CA SER A 2 4.29 -2.52 -7.55
C SER A 2 4.65 -3.42 -8.74
N LEU A 3 5.52 -4.41 -8.54
CA LEU A 3 5.94 -5.35 -9.60
C LEU A 3 6.66 -4.63 -10.76
N ASN A 4 7.98 -4.51 -10.64
CA ASN A 4 8.79 -3.75 -11.59
C ASN A 4 9.14 -4.55 -12.86
N GLU A 5 10.06 -5.51 -12.74
CA GLU A 5 10.47 -6.35 -13.86
C GLU A 5 9.96 -7.78 -13.70
N VAL A 6 9.24 -8.28 -14.70
CA VAL A 6 9.02 -9.71 -14.87
C VAL A 6 9.95 -10.17 -15.99
N GLU A 7 10.74 -11.20 -15.72
CA GLU A 7 11.69 -11.74 -16.69
C GLU A 7 11.42 -13.23 -16.87
N ASN A 8 11.58 -13.73 -18.09
CA ASN A 8 11.18 -15.09 -18.43
C ASN A 8 11.83 -15.59 -19.72
N THR A 9 12.99 -16.20 -19.58
CA THR A 9 13.72 -16.79 -20.70
C THR A 9 13.86 -18.30 -20.45
N ALA A 10 14.60 -18.99 -21.33
CA ALA A 10 14.91 -20.41 -21.11
C ALA A 10 15.98 -20.59 -20.02
N GLN A 11 16.56 -19.48 -19.57
CA GLN A 11 17.62 -19.50 -18.57
C GLN A 11 17.04 -19.40 -17.17
N LYS A 12 16.30 -18.33 -16.92
CA LYS A 12 15.79 -18.03 -15.59
C LYS A 12 14.41 -17.39 -15.64
N PHE A 13 13.76 -17.38 -14.49
CA PHE A 13 12.55 -16.59 -14.28
C PHE A 13 12.88 -15.58 -13.19
N CYS A 14 12.40 -14.36 -13.33
CA CYS A 14 12.68 -13.34 -12.34
C CYS A 14 11.51 -12.37 -12.22
N VAL A 15 11.18 -12.03 -10.98
CA VAL A 15 10.20 -11.01 -10.68
C VAL A 15 10.85 -10.02 -9.73
N LYS A 16 10.50 -8.75 -9.85
CA LYS A 16 10.98 -7.71 -8.93
C LYS A 16 9.83 -6.85 -8.46
N LEU A 17 9.68 -6.72 -7.14
CA LEU A 17 8.58 -5.95 -6.54
C LEU A 17 9.11 -4.78 -5.72
N ASP A 18 8.32 -3.72 -5.67
CA ASP A 18 8.57 -2.59 -4.78
C ASP A 18 7.92 -2.90 -3.44
N VAL A 19 8.77 -3.10 -2.44
CA VAL A 19 8.35 -3.67 -1.15
C VAL A 19 8.80 -2.77 0.02
N ALA A 20 9.20 -1.54 -0.30
CA ALA A 20 9.84 -0.64 0.66
C ALA A 20 8.90 -0.11 1.75
N ALA A 21 7.60 -0.11 1.49
CA ALA A 21 6.61 0.39 2.46
C ALA A 21 6.42 -0.55 3.64
N PHE A 22 7.06 -1.73 3.59
CA PHE A 22 6.88 -2.75 4.61
C PHE A 22 8.21 -3.18 5.18
N LYS A 23 8.19 -3.58 6.45
CA LYS A 23 9.36 -4.21 7.05
C LYS A 23 9.42 -5.66 6.60
N PRO A 24 10.63 -6.19 6.35
CA PRO A 24 10.85 -7.61 6.05
C PRO A 24 9.97 -8.59 6.84
N GLU A 25 9.75 -8.31 8.11
CA GLU A 25 8.93 -9.17 8.98
C GLU A 25 7.45 -9.13 8.65
N GLU A 26 7.04 -8.06 7.97
CA GLU A 26 5.64 -7.88 7.56
C GLU A 26 5.36 -8.48 6.19
N LEU A 27 6.30 -9.27 5.66
CA LEU A 27 6.17 -9.83 4.33
C LEU A 27 6.12 -11.35 4.34
N LYS A 28 5.29 -11.89 3.46
CA LYS A 28 5.11 -13.33 3.29
C LYS A 28 5.28 -13.67 1.82
N VAL A 29 6.00 -14.75 1.55
CA VAL A 29 6.07 -15.31 0.20
C VAL A 29 5.70 -16.78 0.31
N ASN A 30 4.65 -17.16 -0.42
CA ASN A 30 4.16 -18.52 -0.39
C ASN A 30 4.07 -19.10 -1.80
N LEU A 31 4.33 -20.40 -1.90
CA LEU A 31 4.17 -21.14 -3.13
C LEU A 31 3.14 -22.26 -2.93
N GLU A 32 2.24 -22.37 -3.89
CA GLU A 32 1.17 -23.36 -3.85
C GLU A 32 1.01 -23.93 -5.25
N GLY A 33 1.56 -25.12 -5.48
CA GLY A 33 1.73 -25.63 -6.84
C GLY A 33 2.65 -24.69 -7.60
N HIS A 34 2.15 -24.10 -8.69
CA HIS A 34 2.88 -23.11 -9.47
C HIS A 34 2.46 -21.67 -9.13
N VAL A 35 1.60 -21.51 -8.14
CA VAL A 35 1.06 -20.20 -7.80
C VAL A 35 1.90 -19.53 -6.69
N LEU A 36 2.46 -18.38 -7.03
CA LEU A 36 3.31 -17.62 -6.14
C LEU A 36 2.54 -16.42 -5.59
N THR A 37 2.48 -16.31 -4.27
CA THR A 37 1.76 -15.27 -3.58
C THR A 37 2.70 -14.45 -2.70
N ILE A 38 2.74 -13.13 -2.91
CA ILE A 38 3.50 -12.24 -2.06
C ILE A 38 2.53 -11.30 -1.33
N GLU A 39 2.66 -11.26 -0.01
CA GLU A 39 1.77 -10.49 0.85
C GLU A 39 2.55 -9.59 1.79
N GLY A 40 2.00 -8.40 2.02
CA GLY A 40 2.53 -7.47 3.00
C GLY A 40 1.40 -6.96 3.88
N HIS A 41 1.62 -6.96 5.19
CA HIS A 41 0.65 -6.38 6.12
C HIS A 41 1.35 -5.55 7.18
N HIS A 42 1.03 -4.27 7.20
CA HIS A 42 1.51 -3.36 8.23
C HIS A 42 0.30 -2.81 8.99
N GLU A 43 0.35 -2.87 10.31
CA GLU A 43 -0.75 -2.43 11.16
C GLU A 43 -0.18 -1.80 12.43
N VAL A 44 -0.35 -0.49 12.56
CA VAL A 44 0.22 0.28 13.67
C VAL A 44 -0.89 0.98 14.45
N LYS A 45 -0.69 1.12 15.76
CA LYS A 45 -1.59 1.89 16.61
C LYS A 45 -0.93 3.17 17.11
N THR A 46 -1.78 4.12 17.49
CA THR A 46 -1.39 5.36 18.12
C THR A 46 -2.58 5.80 18.97
N GLU A 47 -2.44 6.91 19.70
CA GLU A 47 -3.59 7.51 20.38
C GLU A 47 -4.15 8.69 19.60
N HIS A 48 -3.61 8.88 18.40
CA HIS A 48 -4.14 9.83 17.44
C HIS A 48 -5.14 9.09 16.56
N GLY A 49 -5.05 7.75 16.56
CA GLY A 49 -5.82 6.89 15.66
C GLY A 49 -4.97 5.67 15.30
N PHE A 50 -5.00 5.25 14.04
CA PHE A 50 -4.15 4.15 13.60
C PHE A 50 -3.87 4.15 12.09
N SER A 51 -2.90 3.34 11.70
CA SER A 51 -2.50 3.20 10.31
C SER A 51 -2.39 1.71 9.95
N LYS A 52 -2.80 1.40 8.73
CA LYS A 52 -2.91 0.02 8.28
C LYS A 52 -2.67 -0.02 6.77
N ARG A 53 -1.78 -0.91 6.34
CA ARG A 53 -1.42 -1.06 4.93
C ARG A 53 -1.37 -2.53 4.59
N SER A 54 -1.62 -2.84 3.33
CA SER A 54 -1.72 -4.22 2.88
C SER A 54 -1.52 -4.30 1.39
N PHE A 55 -0.97 -5.42 0.94
CA PHE A 55 -1.02 -5.79 -0.46
C PHE A 55 -0.89 -7.29 -0.62
N THR A 56 -1.46 -7.79 -1.70
CA THR A 56 -1.32 -9.19 -2.08
C THR A 56 -1.09 -9.23 -3.58
N ARG A 57 0.02 -9.84 -3.98
CA ARG A 57 0.36 -10.00 -5.39
C ARG A 57 0.47 -11.49 -5.64
N GLN A 58 -0.19 -11.95 -6.70
CA GLN A 58 -0.19 -13.36 -7.02
C GLN A 58 -0.01 -13.57 -8.51
N PHE A 59 0.80 -14.56 -8.87
CA PHE A 59 0.92 -14.98 -10.26
C PHE A 59 1.30 -16.45 -10.38
N THR A 60 1.07 -16.99 -11.56
CA THR A 60 1.33 -18.39 -11.85
C THR A 60 2.66 -18.47 -12.58
N LEU A 61 3.60 -19.21 -12.00
CA LEU A 61 4.90 -19.48 -12.61
C LEU A 61 4.70 -20.36 -13.83
N PRO A 62 5.55 -20.18 -14.85
CA PRO A 62 5.60 -21.11 -15.98
C PRO A 62 5.85 -22.55 -15.52
N LYS A 63 5.41 -23.51 -16.34
CA LYS A 63 5.60 -24.94 -16.08
C LYS A 63 7.10 -25.23 -16.02
N ASP A 64 7.82 -24.48 -16.84
CA ASP A 64 9.28 -24.53 -16.98
C ASP A 64 10.12 -24.29 -15.70
N VAL A 65 9.55 -23.60 -14.71
CA VAL A 65 10.35 -23.14 -13.56
C VAL A 65 10.75 -24.27 -12.62
N ASP A 66 12.02 -24.26 -12.20
CA ASP A 66 12.52 -25.22 -11.23
C ASP A 66 12.17 -24.72 -9.82
N LEU A 67 11.05 -25.22 -9.28
CA LEU A 67 10.49 -24.72 -8.04
C LEU A 67 11.33 -25.05 -6.80
N ALA A 68 12.18 -26.06 -6.92
CA ALA A 68 13.07 -26.46 -5.82
C ALA A 68 14.18 -25.44 -5.52
N HIS A 69 14.50 -24.59 -6.50
CA HIS A 69 15.60 -23.63 -6.36
C HIS A 69 15.14 -22.19 -6.52
N ILE A 70 13.89 -21.93 -6.18
CA ILE A 70 13.37 -20.57 -6.15
C ILE A 70 14.02 -19.83 -4.98
N HIS A 71 14.41 -18.58 -5.21
CA HIS A 71 15.13 -17.80 -4.20
C HIS A 71 14.55 -16.40 -4.08
N THR A 72 14.34 -15.96 -2.84
CA THR A 72 13.71 -14.67 -2.56
C THR A 72 14.69 -13.81 -1.77
N VAL A 73 14.95 -12.59 -2.25
CA VAL A 73 15.78 -11.64 -1.51
C VAL A 73 15.18 -10.23 -1.55
N ILE A 74 15.38 -9.50 -0.46
CA ILE A 74 15.05 -8.08 -0.38
C ILE A 74 16.35 -7.33 -0.17
N ASN A 75 16.63 -6.33 -1.00
CA ASN A 75 17.85 -5.54 -0.88
C ASN A 75 17.67 -4.38 0.11
N LYS A 76 18.70 -3.54 0.24
CA LYS A 76 18.63 -2.43 1.19
C LYS A 76 17.65 -1.34 0.74
N GLU A 77 17.43 -1.25 -0.57
CA GLU A 77 16.53 -0.25 -1.14
C GLU A 77 15.06 -0.71 -1.16
N GLY A 78 14.77 -1.84 -0.52
CA GLY A 78 13.40 -2.32 -0.37
C GLY A 78 12.82 -2.96 -1.61
N GLN A 79 13.69 -3.43 -2.51
CA GLN A 79 13.24 -4.12 -3.71
C GLN A 79 13.39 -5.62 -3.48
N MET A 80 12.29 -6.35 -3.61
CA MET A 80 12.33 -7.80 -3.52
C MET A 80 12.57 -8.37 -4.91
N THR A 81 13.46 -9.34 -5.00
CA THR A 81 13.58 -10.10 -6.23
C THR A 81 13.42 -11.59 -5.93
N ILE A 82 12.59 -12.23 -6.74
CA ILE A 82 12.36 -13.66 -6.66
C ILE A 82 12.84 -14.24 -7.96
N ASP A 83 13.75 -15.21 -7.89
CA ASP A 83 14.27 -15.83 -9.11
C ASP A 83 14.44 -17.34 -8.98
N ALA A 84 14.42 -18.02 -10.13
CA ALA A 84 14.63 -19.45 -10.19
C ALA A 84 15.15 -19.84 -11.57
N PRO A 85 15.98 -20.90 -11.64
CA PRO A 85 16.34 -21.43 -12.96
C PRO A 85 15.20 -22.22 -13.58
N LYS A 86 15.26 -22.43 -14.90
CA LYS A 86 14.30 -23.29 -15.58
C LYS A 86 14.74 -24.75 -15.46
N THR A 87 13.80 -25.67 -15.69
CA THR A 87 14.06 -27.10 -15.52
C THR A 87 15.11 -27.65 -16.49
N GLY A 88 15.08 -27.19 -17.74
CA GLY A 88 16.00 -27.69 -18.76
C GLY A 88 17.10 -26.72 -19.16
N SER A 89 17.60 -25.95 -18.20
CA SER A 89 18.57 -24.89 -18.47
C SER A 89 20.00 -25.43 -18.68
N ASN A 90 20.41 -26.39 -17.85
CA ASN A 90 21.68 -27.09 -18.05
C ASN A 90 21.53 -28.05 -19.23
N THR A 91 22.19 -27.72 -20.34
CA THR A 91 21.91 -28.36 -21.62
C THR A 91 23.01 -29.30 -22.11
N THR A 92 24.02 -29.55 -21.27
CA THR A 92 25.06 -30.52 -21.60
C THR A 92 24.51 -31.93 -21.38
N VAL A 93 24.97 -32.87 -22.19
CA VAL A 93 24.41 -34.23 -22.17
C VAL A 93 24.70 -34.90 -20.83
N ARG A 94 23.65 -35.42 -20.21
CA ARG A 94 23.73 -36.04 -18.89
C ARG A 94 23.34 -37.52 -19.01
N ALA A 95 24.27 -38.41 -18.71
CA ALA A 95 24.00 -39.85 -18.74
C ALA A 95 23.23 -40.24 -17.47
N LEU A 96 22.21 -41.08 -17.63
CA LEU A 96 21.38 -41.51 -16.52
C LEU A 96 21.73 -42.94 -16.10
N PRO A 97 21.77 -43.21 -14.78
CA PRO A 97 22.02 -44.58 -14.33
C PRO A 97 20.86 -45.53 -14.62
N ILE A 98 21.18 -46.75 -15.03
CA ILE A 98 20.16 -47.79 -15.25
C ILE A 98 20.30 -48.86 -14.16
N HIS A 99 19.28 -48.96 -13.30
CA HIS A 99 19.29 -49.95 -12.22
C HIS A 99 18.56 -51.22 -12.64
N THR A 100 18.98 -52.35 -12.09
CA THR A 100 18.39 -53.65 -12.40
C THR A 100 18.37 -54.53 -11.14
N GLY B 1 -1.51 5.44 1.40
CA GLY B 1 -1.89 6.57 2.29
C GLY B 1 -0.80 6.95 3.28
N SER B 2 0.42 7.18 2.78
CA SER B 2 1.53 7.59 3.63
C SER B 2 1.30 9.01 4.15
N LEU B 3 1.32 9.16 5.47
CA LEU B 3 0.99 10.43 6.12
C LEU B 3 2.18 11.41 6.02
N ASN B 4 2.09 12.34 5.08
CA ASN B 4 3.20 13.26 4.80
C ASN B 4 3.40 14.31 5.89
N GLU B 5 2.35 15.10 6.17
CA GLU B 5 2.44 16.14 7.18
C GLU B 5 1.17 16.30 8.01
N VAL B 6 1.37 16.70 9.27
CA VAL B 6 0.29 17.10 10.17
C VAL B 6 0.42 18.61 10.31
N GLU B 7 -0.71 19.31 10.36
CA GLU B 7 -0.69 20.77 10.42
C GLU B 7 -1.78 21.27 11.37
N ASN B 8 -1.37 21.97 12.41
CA ASN B 8 -2.27 22.36 13.50
C ASN B 8 -1.88 23.72 14.09
N THR B 9 -2.47 24.78 13.54
CA THR B 9 -2.20 26.14 14.01
C THR B 9 -3.49 26.79 14.54
N ALA B 10 -3.41 28.08 14.83
CA ALA B 10 -4.57 28.84 15.32
C ALA B 10 -5.67 29.00 14.27
N GLN B 11 -5.28 29.05 12.98
CA GLN B 11 -6.21 29.42 11.92
C GLN B 11 -6.77 28.24 11.11
N LYS B 12 -6.00 27.15 10.96
CA LYS B 12 -6.51 25.98 10.23
C LYS B 12 -5.89 24.65 10.65
N PHE B 13 -6.63 23.56 10.40
CA PHE B 13 -6.12 22.21 10.53
C PHE B 13 -5.99 21.61 9.14
N CYS B 14 -4.93 20.83 8.92
CA CYS B 14 -4.63 20.28 7.60
C CYS B 14 -3.82 18.99 7.71
N VAL B 15 -4.20 17.99 6.92
CA VAL B 15 -3.45 16.74 6.83
C VAL B 15 -3.27 16.37 5.36
N LYS B 16 -2.07 15.87 5.03
CA LYS B 16 -1.74 15.49 3.67
C LYS B 16 -1.31 14.02 3.58
N LEU B 17 -1.93 13.29 2.64
CA LEU B 17 -1.69 11.86 2.45
C LEU B 17 -1.17 11.56 1.04
N ASP B 18 -0.27 10.59 0.95
CA ASP B 18 0.18 10.04 -0.32
C ASP B 18 -0.78 8.95 -0.78
N VAL B 19 -1.64 9.28 -1.73
CA VAL B 19 -2.66 8.34 -2.23
C VAL B 19 -2.50 8.09 -3.74
N ALA B 20 -1.27 8.23 -4.24
CA ALA B 20 -1.01 8.09 -5.67
C ALA B 20 -1.20 6.66 -6.19
N ALA B 21 -1.12 5.68 -5.30
CA ALA B 21 -1.33 4.27 -5.68
C ALA B 21 -2.81 3.92 -5.87
N PHE B 22 -3.70 4.86 -5.57
CA PHE B 22 -5.15 4.61 -5.69
C PHE B 22 -5.82 5.69 -6.52
N LYS B 23 -6.79 5.30 -7.34
CA LYS B 23 -7.60 6.26 -8.06
C LYS B 23 -8.66 6.84 -7.13
N PRO B 24 -9.12 8.07 -7.40
CA PRO B 24 -10.17 8.73 -6.61
C PRO B 24 -11.37 7.84 -6.25
N GLU B 25 -11.86 7.05 -7.21
CA GLU B 25 -12.99 6.16 -6.96
C GLU B 25 -12.67 4.99 -6.02
N GLU B 26 -11.39 4.68 -5.87
CA GLU B 26 -10.93 3.67 -4.92
C GLU B 26 -10.74 4.21 -3.50
N LEU B 27 -10.95 5.52 -3.32
CA LEU B 27 -10.74 6.18 -2.03
C LEU B 27 -12.04 6.59 -1.35
N LYS B 28 -12.07 6.45 -0.02
CA LYS B 28 -13.20 6.87 0.83
C LYS B 28 -12.70 7.65 2.02
N VAL B 29 -13.35 8.78 2.31
CA VAL B 29 -13.05 9.57 3.50
C VAL B 29 -14.32 9.74 4.34
N ASN B 30 -14.29 9.24 5.57
CA ASN B 30 -15.45 9.30 6.46
C ASN B 30 -15.12 10.00 7.77
N LEU B 31 -16.12 10.68 8.33
CA LEU B 31 -16.02 11.38 9.60
C LEU B 31 -17.16 10.96 10.50
N GLU B 32 -16.83 10.49 11.71
CA GLU B 32 -17.84 10.26 12.74
C GLU B 32 -17.41 10.89 14.06
N GLY B 33 -18.12 11.94 14.47
CA GLY B 33 -17.69 12.78 15.57
C GLY B 33 -16.42 13.50 15.18
N HIS B 34 -15.34 13.25 15.91
CA HIS B 34 -14.04 13.85 15.62
C HIS B 34 -13.11 12.87 14.89
N VAL B 35 -13.60 11.66 14.65
CA VAL B 35 -12.77 10.59 14.09
C VAL B 35 -12.86 10.58 12.57
N LEU B 36 -11.73 10.87 11.92
CA LEU B 36 -11.63 10.89 10.46
C LEU B 36 -10.96 9.61 10.00
N THR B 37 -11.54 8.95 9.00
CA THR B 37 -11.02 7.70 8.47
C THR B 37 -10.85 7.82 6.96
N ILE B 38 -9.65 7.52 6.47
CA ILE B 38 -9.38 7.45 5.04
C ILE B 38 -9.06 6.02 4.67
N GLU B 39 -9.57 5.57 3.52
CA GLU B 39 -9.32 4.21 3.07
C GLU B 39 -9.15 4.15 1.58
N GLY B 40 -8.24 3.27 1.16
CA GLY B 40 -8.04 2.97 -0.25
C GLY B 40 -8.16 1.47 -0.45
N HIS B 41 -8.81 1.07 -1.54
CA HIS B 41 -8.84 -0.34 -1.92
C HIS B 41 -8.73 -0.46 -3.42
N HIS B 42 -7.69 -1.16 -3.87
CA HIS B 42 -7.50 -1.46 -5.29
C HIS B 42 -7.44 -2.98 -5.43
N GLU B 43 -8.04 -3.50 -6.48
CA GLU B 43 -8.16 -4.95 -6.65
C GLU B 43 -8.36 -5.31 -8.11
N VAL B 44 -7.31 -5.85 -8.72
CA VAL B 44 -7.27 -6.21 -10.13
C VAL B 44 -7.21 -7.73 -10.25
N LYS B 45 -7.89 -8.28 -11.27
CA LYS B 45 -7.75 -9.69 -11.63
C LYS B 45 -7.05 -9.82 -12.98
N THR B 46 -6.47 -11.00 -13.21
CA THR B 46 -5.85 -11.34 -14.49
C THR B 46 -6.00 -12.85 -14.64
N GLU B 47 -5.47 -13.40 -15.74
CA GLU B 47 -5.40 -14.86 -15.91
C GLU B 47 -4.08 -15.42 -15.37
N HIS B 48 -3.14 -14.53 -15.05
CA HIS B 48 -1.96 -14.87 -14.24
C HIS B 48 -2.10 -14.24 -12.86
N GLY B 49 -2.97 -14.84 -12.05
CA GLY B 49 -3.19 -14.38 -10.67
C GLY B 49 -3.85 -13.02 -10.57
N PHE B 50 -3.51 -12.26 -9.53
CA PHE B 50 -4.17 -10.98 -9.28
C PHE B 50 -3.34 -10.02 -8.45
N SER B 51 -3.86 -8.80 -8.29
CA SER B 51 -3.20 -7.78 -7.49
C SER B 51 -4.21 -7.08 -6.60
N LYS B 52 -3.76 -6.71 -5.40
CA LYS B 52 -4.63 -6.14 -4.40
C LYS B 52 -3.82 -5.20 -3.51
N ARG B 53 -4.30 -3.97 -3.34
CA ARG B 53 -3.70 -2.99 -2.42
C ARG B 53 -4.77 -2.39 -1.54
N SER B 54 -4.37 -2.00 -0.33
CA SER B 54 -5.30 -1.45 0.64
C SER B 54 -4.59 -0.63 1.70
N PHE B 55 -5.30 0.36 2.23
CA PHE B 55 -4.85 1.02 3.43
C PHE B 55 -6.05 1.61 4.16
N THR B 56 -5.92 1.72 5.48
CA THR B 56 -6.87 2.43 6.31
C THR B 56 -6.05 3.32 7.24
N ARG B 57 -6.35 4.62 7.25
CA ARG B 57 -5.71 5.52 8.18
C ARG B 57 -6.76 6.34 8.91
N GLN B 58 -6.69 6.30 10.23
CA GLN B 58 -7.70 6.92 11.07
C GLN B 58 -7.05 7.87 12.05
N PHE B 59 -7.67 9.02 12.26
CA PHE B 59 -7.25 9.89 13.36
C PHE B 59 -8.38 10.69 13.97
N THR B 60 -8.09 11.22 15.16
CA THR B 60 -9.03 12.07 15.88
C THR B 60 -8.62 13.53 15.66
N LEU B 61 -9.55 14.31 15.12
CA LEU B 61 -9.32 15.73 14.89
C LEU B 61 -9.37 16.48 16.23
N PRO B 62 -8.68 17.63 16.31
CA PRO B 62 -8.78 18.50 17.48
C PRO B 62 -10.20 18.95 17.79
N LYS B 63 -10.47 19.16 19.08
CA LYS B 63 -11.80 19.60 19.55
C LYS B 63 -12.33 20.80 18.76
N ASP B 64 -11.43 21.74 18.47
CA ASP B 64 -11.79 23.05 17.91
C ASP B 64 -11.78 23.14 16.37
N VAL B 65 -11.68 22.02 15.67
CA VAL B 65 -11.78 22.03 14.21
C VAL B 65 -13.23 22.22 13.81
N ASP B 66 -13.47 23.09 12.84
CA ASP B 66 -14.82 23.33 12.33
C ASP B 66 -15.18 22.24 11.33
N LEU B 67 -15.70 21.14 11.85
CA LEU B 67 -16.06 19.96 11.04
C LEU B 67 -17.04 20.30 9.91
N ALA B 68 -17.82 21.36 10.08
CA ALA B 68 -18.77 21.80 9.07
C ALA B 68 -18.11 22.21 7.75
N HIS B 69 -16.88 22.73 7.81
CA HIS B 69 -16.15 23.16 6.60
C HIS B 69 -14.90 22.32 6.32
N ILE B 70 -14.96 21.01 6.54
CA ILE B 70 -13.84 20.15 6.11
C ILE B 70 -13.88 20.02 4.60
N HIS B 71 -12.73 20.23 3.97
CA HIS B 71 -12.59 20.10 2.53
C HIS B 71 -11.45 19.12 2.23
N THR B 72 -11.72 18.15 1.36
CA THR B 72 -10.70 17.19 0.92
C THR B 72 -10.54 17.23 -0.60
N VAL B 73 -9.30 17.43 -1.04
CA VAL B 73 -8.96 17.47 -2.46
C VAL B 73 -7.73 16.62 -2.72
N ILE B 74 -7.71 15.96 -3.87
CA ILE B 74 -6.53 15.24 -4.35
C ILE B 74 -5.97 16.04 -5.53
N ASN B 75 -4.69 16.39 -5.46
CA ASN B 75 -4.06 17.19 -6.51
C ASN B 75 -3.66 16.31 -7.71
N LYS B 76 -2.92 16.91 -8.66
CA LYS B 76 -2.51 16.20 -9.87
C LYS B 76 -1.41 15.17 -9.61
N GLU B 77 -0.67 15.31 -8.51
CA GLU B 77 0.42 14.38 -8.16
C GLU B 77 0.00 13.24 -7.21
N GLY B 78 -1.31 13.07 -7.02
CA GLY B 78 -1.83 11.99 -6.19
C GLY B 78 -1.74 12.25 -4.69
N GLN B 79 -1.64 13.52 -4.30
CA GLN B 79 -1.60 13.87 -2.89
C GLN B 79 -2.96 14.38 -2.43
N MET B 80 -3.48 13.78 -1.36
CA MET B 80 -4.72 14.22 -0.76
C MET B 80 -4.41 15.21 0.34
N THR B 81 -5.13 16.34 0.33
CA THR B 81 -5.09 17.26 1.46
C THR B 81 -6.50 17.41 2.03
N ILE B 82 -6.60 17.21 3.35
CA ILE B 82 -7.84 17.40 4.09
C ILE B 82 -7.61 18.57 5.04
N ASP B 83 -8.35 19.67 4.84
CA ASP B 83 -8.19 20.84 5.68
C ASP B 83 -9.51 21.39 6.19
N ALA B 84 -9.43 22.13 7.30
CA ALA B 84 -10.58 22.82 7.88
C ALA B 84 -10.10 24.00 8.72
N PRO B 85 -10.92 25.06 8.84
CA PRO B 85 -10.58 26.17 9.72
C PRO B 85 -10.86 25.84 11.19
N LYS B 86 -10.21 26.56 12.11
CA LYS B 86 -10.52 26.44 13.52
C LYS B 86 -11.75 27.28 13.86
N THR B 87 -12.45 26.87 14.91
CA THR B 87 -13.69 27.53 15.34
C THR B 87 -13.43 28.92 15.92
N GLY B 88 -12.40 29.02 16.77
CA GLY B 88 -12.12 30.27 17.48
C GLY B 88 -11.06 31.13 16.82
N SER B 89 -10.91 30.98 15.50
CA SER B 89 -9.93 31.76 14.76
C SER B 89 -10.34 33.22 14.73
N ASN B 90 -11.64 33.47 14.50
CA ASN B 90 -12.15 34.85 14.42
C ASN B 90 -12.01 35.59 15.74
N THR B 91 -11.05 36.50 15.75
CA THR B 91 -10.55 37.08 16.98
C THR B 91 -11.17 38.45 17.25
N THR B 92 -11.94 38.96 16.30
CA THR B 92 -12.62 40.26 16.45
C THR B 92 -13.82 40.12 17.39
N VAL B 93 -14.49 41.24 17.67
CA VAL B 93 -15.63 41.25 18.58
C VAL B 93 -16.92 41.04 17.80
N ARG B 94 -17.55 39.89 18.01
CA ARG B 94 -18.80 39.53 17.32
C ARG B 94 -19.97 39.66 18.27
N ALA B 95 -20.87 40.59 17.97
CA ALA B 95 -22.10 40.77 18.76
C ALA B 95 -23.05 39.61 18.51
N LEU B 96 -23.59 39.05 19.58
CA LEU B 96 -24.56 37.95 19.45
C LEU B 96 -25.96 38.52 19.58
N PRO B 97 -26.86 38.18 18.64
CA PRO B 97 -28.24 38.65 18.76
C PRO B 97 -28.88 38.10 20.03
N ILE B 98 -29.56 38.97 20.77
CA ILE B 98 -30.29 38.55 21.96
C ILE B 98 -31.74 38.32 21.53
N HIS B 99 -32.24 37.11 21.73
CA HIS B 99 -33.59 36.77 21.28
C HIS B 99 -34.60 36.94 22.40
N THR B 100 -35.67 37.66 22.09
CA THR B 100 -36.68 38.06 23.07
C THR B 100 -38.04 37.48 22.67
S SO4 C . 2.78 4.22 9.53
O1 SO4 C . 3.96 3.61 10.19
O2 SO4 C . 1.78 3.15 9.28
O3 SO4 C . 3.18 4.82 8.24
O4 SO4 C . 2.20 5.25 10.41
S SO4 D . -1.65 -3.15 -10.15
O1 SO4 D . -0.85 -4.19 -10.83
O2 SO4 D . -2.72 -2.66 -11.07
O3 SO4 D . -0.77 -2.01 -9.77
O4 SO4 D . -2.28 -3.71 -8.94
#